data_7QCQ
#
_entry.id   7QCQ
#
_cell.length_a   135.469
_cell.length_b   135.469
_cell.length_c   35.579
_cell.angle_alpha   90.000
_cell.angle_beta   90.000
_cell.angle_gamma   120.000
#
_symmetry.space_group_name_H-M   'P 65 2 2'
#
loop_
_entity.id
_entity.type
_entity.pdbx_description
1 polymer 'VHH Z70'
2 polymer 'Tau 301-312'
3 non-polymer GLYCEROL
4 water water
#
loop_
_entity_poly.entity_id
_entity_poly.type
_entity_poly.pdbx_seq_one_letter_code
_entity_poly.pdbx_strand_id
1 'polypeptide(L)'
;MAEVQLQASGGVFVQSGGSLRLSCAASGATSTFDGMGWFRQAPGKEREFVSAISYEQGSYTYYADSVKGRFTISRDNSKN
MVYLQMNSLRAEDTATYYCAPAYEGDLYAFDSYGGQGTQVTVSSAAAHHHHHH
;
AAA
2 'polypeptide(L)' PGGGSVQIVYKPKK BBB
#
loop_
_chem_comp.id
_chem_comp.type
_chem_comp.name
_chem_comp.formula
GOL non-polymer GLYCEROL 'C3 H8 O3'
#
# COMPACT_ATOMS: atom_id res chain seq x y z
N GLY A 10 13.77 -13.88 -4.66
CA GLY A 10 14.27 -13.17 -3.44
C GLY A 10 13.37 -12.04 -3.00
N GLY A 11 13.61 -11.54 -1.80
CA GLY A 11 12.85 -10.41 -1.24
C GLY A 11 13.59 -9.77 -0.11
N VAL A 12 12.88 -8.94 0.64
CA VAL A 12 13.34 -8.21 1.82
C VAL A 12 13.14 -9.11 3.04
N PHE A 13 14.02 -9.01 3.99
CA PHE A 13 13.93 -9.76 5.25
C PHE A 13 14.02 -8.76 6.38
N VAL A 14 13.05 -8.76 7.28
CA VAL A 14 12.96 -7.80 8.40
C VAL A 14 12.79 -8.65 9.67
N GLN A 15 13.46 -8.27 10.75
CA GLN A 15 13.23 -8.87 12.08
C GLN A 15 11.92 -8.32 12.65
N SER A 16 11.17 -9.16 13.38
CA SER A 16 10.00 -8.70 14.13
C SER A 16 10.31 -7.43 14.92
N GLY A 17 9.45 -6.42 14.87
CA GLY A 17 9.61 -5.14 15.57
C GLY A 17 10.31 -4.14 14.68
N GLY A 18 10.86 -4.62 13.56
CA GLY A 18 11.62 -3.78 12.63
C GLY A 18 10.71 -2.93 11.75
N SER A 19 11.32 -2.15 10.86
CA SER A 19 10.53 -1.29 9.95
C SER A 19 11.06 -1.36 8.52
N LEU A 20 10.25 -0.86 7.60
CA LEU A 20 10.53 -0.84 6.14
C LEU A 20 9.68 0.26 5.52
N ARG A 21 10.24 0.95 4.54
CA ARG A 21 9.48 1.96 3.76
CA ARG A 21 9.52 1.99 3.75
CA ARG A 21 9.47 1.93 3.76
C ARG A 21 9.39 1.49 2.31
N LEU A 22 8.17 1.51 1.77
CA LEU A 22 7.90 1.21 0.36
C LEU A 22 7.60 2.55 -0.31
N SER A 23 7.86 2.62 -1.61
CA SER A 23 7.57 3.82 -2.43
C SER A 23 7.08 3.36 -3.79
N CYS A 24 6.32 4.21 -4.46
CA CYS A 24 5.84 3.95 -5.83
CA CYS A 24 5.86 3.96 -5.83
C CYS A 24 5.66 5.29 -6.52
N ALA A 25 5.99 5.37 -7.78
CA ALA A 25 5.63 6.50 -8.63
C ALA A 25 4.09 6.63 -8.67
N ALA A 26 3.62 7.86 -8.57
CA ALA A 26 2.19 8.21 -8.62
C ALA A 26 2.06 9.37 -9.61
N SER A 27 1.65 9.06 -10.85
CA SER A 27 1.60 10.02 -12.00
C SER A 27 0.69 11.22 -11.70
N GLY A 28 -0.36 11.04 -10.86
CA GLY A 28 -1.29 12.10 -10.45
C GLY A 28 -2.71 11.77 -10.85
N ALA A 29 -3.69 12.57 -10.41
CA ALA A 29 -5.13 12.30 -10.60
C ALA A 29 -5.47 12.36 -12.10
N THR A 30 -6.30 11.44 -12.56
CA THR A 30 -6.89 11.40 -13.91
C THR A 30 -8.41 11.34 -13.74
N SER A 31 -9.18 11.29 -14.83
CA SER A 31 -10.66 11.15 -14.73
C SER A 31 -10.98 9.76 -14.15
N THR A 32 -10.06 8.79 -14.27
CA THR A 32 -10.27 7.40 -13.80
C THR A 32 -9.85 7.24 -12.33
N PHE A 33 -8.75 7.85 -11.91
CA PHE A 33 -8.14 7.57 -10.58
C PHE A 33 -7.87 8.86 -9.79
N ASP A 34 -8.15 8.81 -8.48
CA ASP A 34 -8.03 9.98 -7.58
C ASP A 34 -7.08 9.65 -6.43
N GLY A 35 -6.37 8.51 -6.48
CA GLY A 35 -5.37 8.20 -5.46
C GLY A 35 -4.52 6.96 -5.84
N MET A 36 -3.81 6.42 -4.86
CA MET A 36 -2.88 5.27 -5.04
C MET A 36 -2.96 4.51 -3.73
N GLY A 37 -2.69 3.22 -3.77
CA GLY A 37 -2.55 2.51 -2.50
C GLY A 37 -1.81 1.20 -2.69
N TRP A 38 -1.84 0.38 -1.66
CA TRP A 38 -1.10 -0.89 -1.60
C TRP A 38 -2.07 -2.00 -1.20
N PHE A 39 -1.86 -3.15 -1.78
CA PHE A 39 -2.44 -4.41 -1.24
C PHE A 39 -1.29 -5.39 -1.08
N ARG A 40 -1.58 -6.53 -0.47
CA ARG A 40 -0.53 -7.55 -0.26
C ARG A 40 -1.18 -8.91 -0.49
N GLN A 41 -0.36 -9.87 -0.83
CA GLN A 41 -0.83 -11.27 -0.88
C GLN A 41 0.24 -12.16 -0.21
N ALA A 42 -0.18 -12.78 0.90
CA ALA A 42 0.58 -13.81 1.65
C ALA A 42 0.43 -15.17 0.95
N PRO A 43 1.43 -16.07 1.11
CA PRO A 43 1.33 -17.39 0.50
C PRO A 43 0.00 -18.05 0.89
N GLY A 44 -0.69 -18.60 -0.12
CA GLY A 44 -1.94 -19.37 -0.02
C GLY A 44 -3.12 -18.56 0.50
N LYS A 45 -3.04 -17.23 0.49
CA LYS A 45 -4.14 -16.37 1.00
C LYS A 45 -4.64 -15.47 -0.15
N GLU A 46 -5.83 -14.91 0.05
CA GLU A 46 -6.42 -13.95 -0.91
C GLU A 46 -5.66 -12.62 -0.77
N ARG A 47 -5.68 -11.79 -1.80
CA ARG A 47 -5.22 -10.38 -1.73
C ARG A 47 -5.93 -9.64 -0.60
N GLU A 48 -5.19 -8.81 0.11
CA GLU A 48 -5.68 -8.09 1.30
C GLU A 48 -5.37 -6.61 1.01
N PHE A 49 -6.37 -5.77 1.09
CA PHE A 49 -6.16 -4.29 1.13
C PHE A 49 -5.22 -3.93 2.29
N VAL A 50 -4.31 -3.02 2.03
CA VAL A 50 -3.39 -2.50 3.07
C VAL A 50 -3.74 -1.03 3.34
N SER A 51 -3.61 -0.14 2.36
CA SER A 51 -3.79 1.31 2.59
C SER A 51 -4.02 2.00 1.26
N ALA A 52 -4.75 3.12 1.24
CA ALA A 52 -4.94 3.96 0.05
C ALA A 52 -4.99 5.43 0.49
N ILE A 53 -4.46 6.29 -0.38
CA ILE A 53 -4.42 7.75 -0.11
C ILE A 53 -4.88 8.51 -1.35
N SER A 54 -5.57 9.63 -1.14
CA SER A 54 -6.01 10.53 -2.23
CA SER A 54 -6.02 10.56 -2.20
C SER A 54 -4.87 11.47 -2.63
N TYR A 55 -4.86 11.86 -3.90
CA TYR A 55 -3.97 12.95 -4.38
C TYR A 55 -4.38 14.27 -3.72
N GLU A 56 -5.68 14.49 -3.54
CA GLU A 56 -6.24 15.69 -2.85
C GLU A 56 -5.95 15.62 -1.34
N GLN A 57 -5.21 16.58 -0.81
CA GLN A 57 -4.89 16.68 0.63
C GLN A 57 -6.21 16.67 1.39
N GLY A 58 -6.33 15.76 2.34
CA GLY A 58 -7.49 15.70 3.24
C GLY A 58 -8.60 14.81 2.72
N SER A 59 -8.59 14.41 1.47
CA SER A 59 -9.60 13.41 1.05
CA SER A 59 -9.56 13.40 1.02
C SER A 59 -9.05 12.13 1.70
N TYR A 60 -9.32 10.98 1.18
CA TYR A 60 -9.24 9.74 1.98
C TYR A 60 -7.81 9.35 2.35
N THR A 61 -7.75 8.63 3.47
CA THR A 61 -6.57 7.86 3.96
C THR A 61 -7.15 6.62 4.61
N TYR A 62 -7.22 5.53 3.87
CA TYR A 62 -7.78 4.25 4.39
C TYR A 62 -6.69 3.30 4.84
N TYR A 63 -6.96 2.55 5.91
CA TYR A 63 -6.02 1.52 6.38
C TYR A 63 -6.82 0.25 6.70
N ALA A 64 -6.33 -0.91 6.31
CA ALA A 64 -6.82 -2.19 6.91
C ALA A 64 -6.74 -2.12 8.45
N ASP A 65 -7.73 -2.68 9.18
CA ASP A 65 -7.65 -2.74 10.67
C ASP A 65 -6.36 -3.45 11.12
N SER A 66 -5.85 -4.44 10.38
CA SER A 66 -4.64 -5.26 10.72
C SER A 66 -3.35 -4.39 10.77
N VAL A 67 -3.35 -3.19 10.19
CA VAL A 67 -2.12 -2.34 10.10
C VAL A 67 -2.32 -0.97 10.74
N LYS A 68 -3.51 -0.63 11.25
CA LYS A 68 -3.78 0.72 11.83
C LYS A 68 -2.84 0.97 12.99
N GLY A 69 -2.23 2.14 13.08
CA GLY A 69 -1.29 2.46 14.18
C GLY A 69 0.15 2.06 13.88
N ARG A 70 0.40 1.18 12.92
CA ARG A 70 1.74 0.64 12.63
C ARG A 70 2.17 1.18 11.26
N PHE A 71 1.25 1.23 10.30
CA PHE A 71 1.60 1.67 8.92
C PHE A 71 1.09 3.08 8.73
N THR A 72 1.82 3.87 7.94
CA THR A 72 1.41 5.23 7.58
C THR A 72 1.62 5.46 6.08
N ILE A 73 0.58 5.83 5.39
CA ILE A 73 0.70 6.15 3.93
C ILE A 73 0.85 7.65 3.80
N SER A 74 1.64 8.10 2.83
CA SER A 74 1.82 9.55 2.61
C SER A 74 2.01 9.80 1.12
N ARG A 75 1.86 11.04 0.68
CA ARG A 75 2.19 11.26 -0.75
C ARG A 75 2.93 12.57 -0.86
N ASP A 76 3.75 12.69 -1.90
CA ASP A 76 4.49 13.94 -2.23
C ASP A 76 4.13 14.30 -3.67
N ASN A 77 3.22 15.25 -3.86
CA ASN A 77 2.65 15.51 -5.21
C ASN A 77 3.73 16.24 -6.02
N SER A 78 4.64 16.93 -5.35
CA SER A 78 5.80 17.63 -5.99
CA SER A 78 5.76 17.63 -6.04
C SER A 78 6.75 16.61 -6.61
N LYS A 79 6.93 15.45 -5.96
CA LYS A 79 7.82 14.38 -6.44
C LYS A 79 7.05 13.32 -7.23
N ASN A 80 5.71 13.37 -7.32
CA ASN A 80 4.88 12.35 -7.98
C ASN A 80 5.18 10.97 -7.35
N MET A 81 5.16 10.90 -6.02
CA MET A 81 5.53 9.68 -5.25
C MET A 81 4.50 9.45 -4.16
N VAL A 82 4.28 8.19 -3.84
CA VAL A 82 3.52 7.76 -2.64
CA VAL A 82 3.52 7.77 -2.64
C VAL A 82 4.44 6.86 -1.82
N TYR A 83 4.29 6.88 -0.50
CA TYR A 83 5.16 6.12 0.41
C TYR A 83 4.29 5.34 1.42
N LEU A 84 4.79 4.19 1.83
CA LEU A 84 4.19 3.41 2.94
C LEU A 84 5.28 3.11 3.96
N GLN A 85 5.17 3.73 5.14
CA GLN A 85 6.05 3.50 6.28
C GLN A 85 5.47 2.34 7.08
N MET A 86 6.19 1.24 7.12
CA MET A 86 5.72 0.02 7.83
C MET A 86 6.55 -0.14 9.10
N ASN A 87 5.97 0.21 10.26
CA ASN A 87 6.64 0.10 11.57
C ASN A 87 6.09 -1.10 12.32
N SER A 88 6.83 -1.52 13.36
CA SER A 88 6.42 -2.59 14.31
C SER A 88 5.99 -3.81 13.51
N LEU A 89 6.79 -4.22 12.53
CA LEU A 89 6.40 -5.33 11.65
C LEU A 89 6.35 -6.63 12.46
N ARG A 90 5.43 -7.50 12.09
CA ARG A 90 5.22 -8.80 12.77
C ARG A 90 5.21 -9.88 11.68
N ALA A 91 5.39 -11.15 12.06
CA ALA A 91 5.44 -12.28 11.12
C ALA A 91 4.19 -12.32 10.23
N GLU A 92 3.02 -11.91 10.71
CA GLU A 92 1.75 -11.94 9.91
C GLU A 92 1.77 -10.89 8.80
N ASP A 93 2.76 -10.00 8.77
CA ASP A 93 2.91 -8.99 7.68
C ASP A 93 3.69 -9.59 6.51
N THR A 94 4.21 -10.83 6.62
CA THR A 94 4.92 -11.52 5.53
C THR A 94 3.99 -11.65 4.32
N ALA A 95 4.41 -11.14 3.16
CA ALA A 95 3.59 -11.11 1.95
C ALA A 95 4.36 -10.42 0.85
N THR A 96 3.83 -10.52 -0.36
CA THR A 96 4.25 -9.65 -1.46
C THR A 96 3.31 -8.44 -1.48
N TYR A 97 3.89 -7.26 -1.61
CA TYR A 97 3.21 -5.94 -1.55
C TYR A 97 3.20 -5.35 -2.94
N TYR A 98 2.03 -4.86 -3.35
CA TYR A 98 1.79 -4.30 -4.68
C TYR A 98 1.19 -2.90 -4.53
N CYS A 99 1.68 -1.93 -5.32
CA CYS A 99 1.09 -0.58 -5.40
CA CYS A 99 1.13 -0.57 -5.44
C CYS A 99 0.12 -0.58 -6.59
N ALA A 100 -1.00 0.13 -6.49
CA ALA A 100 -2.04 0.16 -7.53
C ALA A 100 -2.74 1.51 -7.44
N PRO A 101 -3.26 2.01 -8.58
CA PRO A 101 -4.08 3.22 -8.58
C PRO A 101 -5.42 2.94 -7.88
N ALA A 102 -5.97 4.01 -7.31
CA ALA A 102 -7.16 3.96 -6.44
C ALA A 102 -8.22 4.89 -7.04
N TYR A 103 -9.46 4.49 -6.85
CA TYR A 103 -10.63 5.35 -7.14
C TYR A 103 -11.55 5.25 -5.94
N GLU A 104 -11.60 6.33 -5.17
CA GLU A 104 -12.39 6.43 -3.91
C GLU A 104 -11.92 5.38 -2.90
N GLY A 105 -10.63 5.03 -2.91
CA GLY A 105 -10.09 4.06 -1.95
C GLY A 105 -10.00 2.64 -2.48
N ASP A 106 -10.81 2.23 -3.46
CA ASP A 106 -10.71 0.85 -3.99
C ASP A 106 -9.49 0.81 -4.92
N LEU A 107 -8.76 -0.30 -4.91
CA LEU A 107 -7.55 -0.45 -5.75
C LEU A 107 -7.86 -1.26 -7.00
N TYR A 108 -7.29 -0.82 -8.13
CA TYR A 108 -7.53 -1.35 -9.49
C TYR A 108 -6.19 -1.79 -10.07
N ALA A 109 -6.00 -3.09 -10.25
CA ALA A 109 -4.77 -3.64 -10.86
C ALA A 109 -5.13 -4.21 -12.26
N PHE A 110 -4.69 -3.55 -13.32
CA PHE A 110 -4.83 -4.00 -14.74
C PHE A 110 -3.52 -4.68 -15.18
N GLN A 116 5.48 -7.76 -10.57
CA GLN A 116 5.99 -6.40 -10.23
C GLN A 116 5.66 -6.09 -8.76
N GLY A 117 5.88 -7.06 -7.86
CA GLY A 117 5.65 -6.88 -6.40
C GLY A 117 6.96 -6.80 -5.61
N THR A 118 6.85 -6.44 -4.32
CA THR A 118 7.97 -6.44 -3.36
C THR A 118 7.68 -7.52 -2.32
N GLN A 119 8.45 -8.60 -2.36
CA GLN A 119 8.31 -9.71 -1.38
C GLN A 119 8.97 -9.30 -0.06
N VAL A 120 8.28 -9.48 1.05
CA VAL A 120 8.73 -9.06 2.39
C VAL A 120 8.51 -10.23 3.33
N THR A 121 9.58 -10.66 3.98
CA THR A 121 9.53 -11.71 5.02
C THR A 121 9.86 -11.06 6.36
N VAL A 122 9.01 -11.25 7.37
CA VAL A 122 9.23 -10.76 8.73
C VAL A 122 9.41 -12.00 9.62
N SER A 123 10.54 -12.15 10.30
CA SER A 123 10.73 -13.21 11.34
C SER A 123 10.02 -12.80 12.65
N SER A 124 9.63 -13.74 13.53
N SER A 124 9.61 -13.79 13.45
CA SER A 124 9.05 -13.40 14.87
CA SER A 124 9.12 -13.58 14.85
C SER A 124 10.01 -13.76 16.00
C SER A 124 10.33 -13.23 15.73
N GLY B 4 -12.46 -5.07 -21.09
CA GLY B 4 -11.14 -5.73 -20.84
C GLY B 4 -11.18 -6.56 -19.56
N SER B 5 -10.26 -6.35 -18.61
CA SER B 5 -10.27 -7.09 -17.32
C SER B 5 -9.53 -6.31 -16.23
N VAL B 6 -9.91 -6.55 -14.98
CA VAL B 6 -9.31 -5.81 -13.85
C VAL B 6 -9.40 -6.66 -12.60
N GLN B 7 -8.42 -6.47 -11.72
CA GLN B 7 -8.40 -7.00 -10.35
C GLN B 7 -8.73 -5.82 -9.44
N ILE B 8 -9.77 -5.95 -8.66
CA ILE B 8 -10.18 -4.91 -7.69
C ILE B 8 -9.88 -5.46 -6.32
N VAL B 9 -9.27 -4.62 -5.48
CA VAL B 9 -9.07 -4.92 -4.06
C VAL B 9 -9.79 -3.82 -3.30
N TYR B 10 -10.91 -4.19 -2.69
CA TYR B 10 -11.83 -3.19 -2.09
C TYR B 10 -11.27 -2.59 -0.81
N LYS B 11 -11.64 -1.33 -0.60
CA LYS B 11 -11.28 -0.65 0.65
C LYS B 11 -12.06 -1.29 1.79
N PRO B 12 -11.72 -0.95 3.04
CA PRO B 12 -12.29 -1.60 4.21
C PRO B 12 -13.81 -1.37 4.31
N LYS B 13 -14.54 -2.37 4.80
CA LYS B 13 -15.99 -2.33 5.12
C LYS B 13 -16.19 -1.42 6.34
C1 GOL C . 1.94 -4.70 -10.34
O1 GOL C . 2.58 -5.79 -11.02
C2 GOL C . 0.44 -4.90 -10.21
O2 GOL C . 0.14 -6.26 -9.95
C3 GOL C . -0.20 -4.04 -9.13
O3 GOL C . -1.09 -3.06 -9.68
H11 GOL C . 2.12 -3.86 -10.83
H12 GOL C . 2.33 -4.62 -9.43
HO1 GOL C . 3.37 -5.56 -10.95
H2 GOL C . 0.03 -4.65 -11.09
HO2 GOL C . -0.36 -6.37 -9.30
H31 GOL C . 0.51 -3.58 -8.62
H32 GOL C . -0.70 -4.63 -8.51
HO3 GOL C . -0.66 -2.61 -10.28
C1 GOL D . -12.01 2.81 -12.42
O1 GOL D . -11.76 2.04 -13.59
C2 GOL D . -13.32 3.56 -12.49
O2 GOL D . -14.11 3.17 -11.36
C3 GOL D . -13.18 5.07 -12.52
O3 GOL D . -14.39 5.74 -12.88
H11 GOL D . -11.27 3.46 -12.31
H12 GOL D . -12.02 2.21 -11.63
HO1 GOL D . -10.99 1.67 -13.52
H2 GOL D . -13.79 3.28 -13.31
HO2 GOL D . -14.32 3.87 -10.92
H31 GOL D . -12.46 5.31 -13.15
H32 GOL D . -12.89 5.37 -11.62
HO3 GOL D . -15.04 5.31 -12.56
#